data_8TJB
#
_entry.id   8TJB
#
_cell.length_a   100.240
_cell.length_b   100.240
_cell.length_c   391.849
_cell.angle_alpha   90.00
_cell.angle_beta   90.00
_cell.angle_gamma   120.00
#
_symmetry.space_group_name_H-M   'H 3 2'
#
loop_
_entity.id
_entity.type
_entity.pdbx_description
1 polymer 'Hemagglutinin HA1 chain'
2 polymer 'Hemagglutinin HA2 chain'
3 branched beta-D-mannopyranose-(1-4)-2-acetamido-2-deoxy-beta-D-glucopyranose-(1-4)-2-acetamido-2-deoxy-beta-D-glucopyranose
4 branched 2-acetamido-2-deoxy-beta-D-glucopyranose-(1-4)-2-acetamido-2-deoxy-beta-D-glucopyranose
5 branched alpha-D-mannopyranose-(1-3)-[alpha-D-mannopyranose-(1-6)]beta-D-mannopyranose-(1-4)-2-acetamido-2-deoxy-beta-D-glucopyranose-(1-4)-2-acetamido-2-deoxy-beta-D-glucopyranose
6 branched 'N-acetyl-alpha-neuraminic acid-(2-6)-beta-D-galactopyranose-(1-4)-2-acetamido-2-deoxy-beta-D-glucopyranose-(1-3)-beta-D-galactopyranose-(1-4)-2-acetamido-2-deoxy-beta-D-glucopyranose'
7 non-polymer 2-acetamido-2-deoxy-beta-D-glucopyranose
8 water water
#
loop_
_entity_poly.entity_id
_entity_poly.type
_entity_poly.pdbx_seq_one_letter_code
_entity_poly.pdbx_strand_id
1 'polypeptide(L)'
;ADPGATLCLGHHAVPNGTIVKTITNDRIEVTNATELVQNSSIGEICDSPHQILDGENCTLIDALLGDPQCDGFQNKKWDL
FVERSKAYSNCYPYDVPDYASLRSLVASSGTLEFKNESFNWTGVTQNGKSSACIRRSSSSFFSRLNWLTHLNYTYPALNV
TMPNKEQFDKLYIWGVHHPGTDKDQIFLYAQSSGRITVSTKRSQQAVIPNIGSRPRIRDIPSRISIYWTIVKPGDILLIN
STGNLIAPRGYFKIRSGKSSIMRSDAPIGKCKSECITPNGSIPNDKPFQNVNRITYGACPRYVKHSTLKLATGMRNVPEK
QTR
;
A
2 'polypeptide(L)'
;GIFGAIAGFIENGWEGMVDGWYGFRHQNSEGRGQAADLKSTQAAIDQINGKLNRLIGKTNEKFHQIEKEFSEVEGRVQDL
EKYVEDTKIDLWSYNAELLVALENQHTIDLTDSEMNKLFEKTKKQLRENAEDMGNGCFKIYHKCDNACIESIRNETYDHN
VYRDEALNNRFQIK
;
B
#
# COMPACT_ATOMS: atom_id res chain seq x y z
N PRO A 3 -56.85 34.39 8.15
CA PRO A 3 -55.41 34.65 8.04
C PRO A 3 -54.68 33.57 7.24
N GLY A 4 -55.09 32.32 7.39
CA GLY A 4 -54.46 31.24 6.64
C GLY A 4 -53.18 30.75 7.30
N ALA A 5 -52.28 30.23 6.47
CA ALA A 5 -51.03 29.70 6.97
C ALA A 5 -50.01 29.67 5.83
N THR A 6 -48.74 29.61 6.20
CA THR A 6 -47.64 29.50 5.26
C THR A 6 -46.76 28.33 5.67
N LEU A 7 -46.54 27.41 4.75
CA LEU A 7 -45.70 26.24 4.99
C LEU A 7 -44.53 26.26 4.02
N CYS A 8 -43.32 26.31 4.57
CA CYS A 8 -42.10 26.44 3.78
C CYS A 8 -41.30 25.14 3.84
N LEU A 9 -40.88 24.66 2.67
CA LEU A 9 -40.02 23.50 2.55
C LEU A 9 -38.59 23.97 2.39
N GLY A 10 -37.67 23.27 3.06
CA GLY A 10 -36.28 23.70 3.00
C GLY A 10 -35.32 22.63 3.47
N HIS A 11 -34.06 23.00 3.50
CA HIS A 11 -32.96 22.10 3.84
C HIS A 11 -32.03 22.77 4.84
N HIS A 12 -31.10 22.00 5.38
CA HIS A 12 -30.18 22.52 6.38
C HIS A 12 -28.95 23.15 5.71
N ALA A 13 -28.20 23.90 6.51
CA ALA A 13 -26.95 24.50 6.07
C ALA A 13 -26.04 24.63 7.28
N VAL A 14 -24.75 24.82 7.01
CA VAL A 14 -23.76 24.95 8.07
C VAL A 14 -22.95 26.23 7.83
N PRO A 15 -22.45 26.88 8.89
CA PRO A 15 -21.60 28.05 8.68
C PRO A 15 -20.21 27.71 8.16
N ASN A 16 -19.74 26.48 8.36
CA ASN A 16 -18.39 26.06 7.99
C ASN A 16 -18.49 24.94 6.95
N GLY A 17 -18.55 25.35 5.67
CA GLY A 17 -18.62 24.37 4.59
C GLY A 17 -17.24 23.95 4.08
N THR A 18 -17.25 22.95 3.20
CA THR A 18 -16.04 22.39 2.62
C THR A 18 -16.10 22.49 1.10
N ILE A 19 -14.98 22.83 0.49
CA ILE A 19 -14.87 22.94 -0.96
C ILE A 19 -14.50 21.58 -1.54
N VAL A 20 -15.19 21.19 -2.62
CA VAL A 20 -14.93 19.94 -3.31
C VAL A 20 -14.93 20.20 -4.81
N LYS A 21 -14.40 19.24 -5.57
CA LYS A 21 -14.41 19.28 -7.02
C LYS A 21 -15.60 18.49 -7.56
N THR A 22 -16.14 18.95 -8.68
CA THR A 22 -17.18 18.23 -9.40
C THR A 22 -16.84 18.21 -10.89
N ILE A 23 -17.75 17.63 -11.67
CA ILE A 23 -17.55 17.51 -13.11
C ILE A 23 -17.67 18.87 -13.79
N THR A 24 -18.57 19.70 -13.29
CA THR A 24 -18.85 21.00 -13.92
C THR A 24 -18.24 22.18 -13.18
N ASN A 25 -17.66 21.95 -12.00
CA ASN A 25 -17.18 23.04 -11.16
C ASN A 25 -16.08 22.49 -10.26
N ASP A 26 -14.91 23.13 -10.26
CA ASP A 26 -13.79 22.65 -9.46
C ASP A 26 -13.70 23.32 -8.11
N ARG A 27 -14.66 24.17 -7.74
CA ARG A 27 -14.71 24.76 -6.40
C ARG A 27 -16.17 24.95 -6.04
N ILE A 28 -16.73 24.02 -5.26
CA ILE A 28 -18.12 24.07 -4.85
C ILE A 28 -18.22 23.65 -3.39
N GLU A 29 -19.01 24.39 -2.63
CA GLU A 29 -19.09 24.21 -1.18
C GLU A 29 -20.21 23.26 -0.81
N VAL A 30 -19.89 22.25 0.00
CA VAL A 30 -20.86 21.29 0.50
C VAL A 30 -20.86 21.35 2.02
N THR A 31 -21.92 20.77 2.61
CA THR A 31 -22.06 20.82 4.06
C THR A 31 -20.96 20.04 4.77
N ASN A 32 -20.43 19.00 4.14
CA ASN A 32 -19.47 18.12 4.78
C ASN A 32 -18.80 17.26 3.71
N ALA A 33 -17.55 16.90 3.97
CA ALA A 33 -16.79 16.06 3.05
C ALA A 33 -15.86 15.18 3.86
N THR A 34 -15.25 14.21 3.17
CA THR A 34 -14.26 13.34 3.79
C THR A 34 -13.08 13.16 2.85
N GLU A 35 -11.87 13.20 3.42
CA GLU A 35 -10.65 13.09 2.64
C GLU A 35 -10.41 11.64 2.25
N LEU A 36 -10.17 11.42 0.95
CA LEU A 36 -9.95 10.08 0.43
C LEU A 36 -8.48 9.77 0.18
N VAL A 37 -7.58 10.71 0.44
CA VAL A 37 -6.16 10.53 0.19
C VAL A 37 -5.43 10.65 1.53
N GLN A 38 -4.86 9.54 1.99
CA GLN A 38 -4.04 9.56 3.20
C GLN A 38 -2.72 10.27 2.91
N ASN A 39 -2.43 11.33 3.65
CA ASN A 39 -1.28 12.17 3.37
C ASN A 39 -0.16 12.07 4.40
N SER A 40 -0.36 11.34 5.49
CA SER A 40 0.60 11.33 6.56
C SER A 40 0.84 9.90 7.04
N SER A 41 2.02 9.70 7.62
CA SER A 41 2.37 8.49 8.36
C SER A 41 2.74 8.87 9.78
N ILE A 42 2.81 7.87 10.66
CA ILE A 42 3.04 8.09 12.08
C ILE A 42 4.55 8.22 12.26
N GLY A 43 5.29 8.06 11.18
CA GLY A 43 6.72 8.18 11.19
C GLY A 43 7.47 6.98 11.73
N GLU A 44 6.77 5.89 12.03
CA GLU A 44 7.43 4.67 12.48
C GLU A 44 6.70 3.47 11.91
N ILE A 45 7.39 2.33 11.89
CA ILE A 45 6.86 1.09 11.33
C ILE A 45 6.35 0.23 12.48
N CYS A 46 5.03 0.06 12.55
CA CYS A 46 4.44 -0.79 13.57
C CYS A 46 4.86 -2.24 13.39
N ASP A 47 5.22 -2.89 14.49
CA ASP A 47 5.69 -4.28 14.43
C ASP A 47 4.55 -5.30 14.47
N SER A 48 3.31 -4.84 14.37
CA SER A 48 2.13 -5.69 14.27
C SER A 48 1.25 -5.16 13.15
N PRO A 49 0.58 -6.06 12.41
CA PRO A 49 0.53 -7.52 12.55
C PRO A 49 1.63 -8.26 11.80
N HIS A 50 2.41 -7.54 11.00
CA HIS A 50 3.46 -8.16 10.21
C HIS A 50 4.73 -8.33 11.02
N GLN A 51 5.40 -9.46 10.83
CA GLN A 51 6.63 -9.76 11.53
C GLN A 51 7.78 -8.98 10.91
N ILE A 52 8.31 -8.00 11.64
CA ILE A 52 9.33 -7.10 11.13
C ILE A 52 10.70 -7.60 11.59
N LEU A 53 11.65 -7.65 10.66
CA LEU A 53 13.03 -8.01 10.95
C LEU A 53 13.92 -6.82 10.59
N ASP A 54 14.43 -6.14 11.60
CA ASP A 54 15.30 -4.98 11.38
C ASP A 54 16.69 -5.47 11.03
N GLY A 55 17.17 -5.12 9.83
CA GLY A 55 18.52 -5.48 9.43
C GLY A 55 19.60 -4.64 10.07
N GLU A 56 19.25 -3.45 10.57
CA GLU A 56 20.19 -2.53 11.20
C GLU A 56 21.38 -2.25 10.29
N ASN A 57 22.53 -2.81 10.62
CA ASN A 57 23.76 -2.58 9.86
C ASN A 57 23.96 -3.56 8.72
N CYS A 58 23.03 -4.50 8.52
CA CYS A 58 23.24 -5.62 7.61
C CYS A 58 22.26 -5.56 6.45
N THR A 59 22.77 -5.75 5.24
CA THR A 59 21.91 -6.06 4.10
C THR A 59 21.44 -7.50 4.20
N LEU A 60 20.31 -7.78 3.54
CA LEU A 60 19.79 -9.14 3.53
C LEU A 60 20.80 -10.10 2.90
N ILE A 61 21.53 -9.64 1.88
CA ILE A 61 22.53 -10.48 1.25
C ILE A 61 23.69 -10.76 2.19
N ASP A 62 24.09 -9.75 2.98
CA ASP A 62 25.15 -9.97 3.96
C ASP A 62 24.72 -10.96 5.04
N ALA A 63 23.47 -10.85 5.50
CA ALA A 63 22.96 -11.82 6.46
C ALA A 63 22.87 -13.21 5.86
N LEU A 64 22.70 -13.29 4.54
CA LEU A 64 22.63 -14.60 3.88
C LEU A 64 24.00 -15.27 3.86
N LEU A 65 25.03 -14.53 3.46
CA LEU A 65 26.35 -15.13 3.31
C LEU A 65 26.99 -15.46 4.65
N GLY A 66 26.85 -14.55 5.63
CA GLY A 66 27.41 -14.79 6.94
C GLY A 66 28.44 -13.77 7.37
N ASP A 67 28.24 -12.52 6.96
CA ASP A 67 29.07 -11.43 7.43
C ASP A 67 29.07 -11.41 8.97
N PRO A 68 30.23 -11.32 9.61
CA PRO A 68 30.29 -11.49 11.08
C PRO A 68 29.33 -10.59 11.86
N GLN A 69 29.16 -9.33 11.45
CA GLN A 69 28.24 -8.46 12.15
C GLN A 69 26.77 -8.88 11.96
N CYS A 70 26.51 -9.87 11.11
CA CYS A 70 25.15 -10.35 10.85
C CYS A 70 24.92 -11.75 11.41
N ASP A 71 25.75 -12.18 12.38
CA ASP A 71 25.59 -13.51 12.93
C ASP A 71 24.27 -13.67 13.68
N GLY A 72 23.76 -12.58 14.26
CA GLY A 72 22.49 -12.65 14.97
C GLY A 72 21.29 -12.89 14.09
N PHE A 73 21.46 -12.82 12.77
CA PHE A 73 20.38 -13.04 11.82
C PHE A 73 20.28 -14.48 11.34
N GLN A 74 21.10 -15.38 11.88
CA GLN A 74 21.08 -16.76 11.43
C GLN A 74 19.74 -17.41 11.74
N ASN A 75 19.14 -18.04 10.72
CA ASN A 75 17.90 -18.80 10.82
C ASN A 75 16.69 -17.93 11.16
N LYS A 76 16.77 -16.62 10.97
CA LYS A 76 15.65 -15.76 11.28
C LYS A 76 14.61 -15.81 10.16
N LYS A 77 13.36 -15.57 10.53
CA LYS A 77 12.25 -15.45 9.59
C LYS A 77 11.65 -14.06 9.69
N TRP A 78 10.86 -13.69 8.68
CA TRP A 78 10.29 -12.36 8.64
C TRP A 78 9.12 -12.32 7.67
N ASP A 79 8.21 -11.39 7.92
CA ASP A 79 7.25 -10.98 6.91
C ASP A 79 7.78 -9.80 6.10
N LEU A 80 8.45 -8.86 6.76
CA LEU A 80 9.07 -7.73 6.09
C LEU A 80 10.47 -7.53 6.64
N PHE A 81 11.48 -7.71 5.80
CA PHE A 81 12.86 -7.39 6.13
C PHE A 81 13.11 -5.93 5.81
N VAL A 82 13.59 -5.17 6.79
CA VAL A 82 13.82 -3.75 6.64
C VAL A 82 15.31 -3.51 6.52
N GLU A 83 15.72 -3.00 5.35
CA GLU A 83 17.11 -2.66 5.09
C GLU A 83 17.35 -1.19 5.37
N ARG A 84 18.39 -0.90 6.15
CA ARG A 84 18.75 0.47 6.49
C ARG A 84 19.80 0.99 5.51
N SER A 85 19.73 2.29 5.24
CA SER A 85 20.71 2.91 4.34
C SER A 85 22.09 2.97 4.97
N LYS A 86 22.19 2.85 6.28
CA LYS A 86 23.48 2.83 6.97
C LYS A 86 24.21 1.50 6.83
N ALA A 87 23.54 0.48 6.28
CA ALA A 87 24.14 -0.85 6.20
C ALA A 87 25.40 -0.83 5.36
N TYR A 88 26.35 -1.70 5.72
CA TYR A 88 27.63 -1.76 5.04
C TYR A 88 28.17 -3.18 5.12
N SER A 89 28.91 -3.57 4.07
CA SER A 89 29.58 -4.86 4.08
C SER A 89 30.92 -4.75 4.79
N ASN A 90 31.32 -5.84 5.43
CA ASN A 90 32.53 -5.85 6.23
C ASN A 90 33.16 -7.24 6.25
N CYS A 91 33.26 -7.86 5.08
CA CYS A 91 33.87 -9.18 4.94
C CYS A 91 34.75 -9.19 3.70
N TYR A 92 34.96 -10.36 3.11
CA TYR A 92 35.71 -10.42 1.86
C TYR A 92 34.94 -9.66 0.78
N PRO A 93 35.64 -8.87 -0.04
CA PRO A 93 34.93 -8.09 -1.07
C PRO A 93 34.30 -9.00 -2.11
N TYR A 94 33.03 -8.76 -2.40
CA TYR A 94 32.26 -9.65 -3.25
C TYR A 94 31.26 -8.85 -4.08
N ASP A 95 30.78 -9.48 -5.15
CA ASP A 95 29.65 -8.98 -5.90
C ASP A 95 28.77 -10.16 -6.29
N VAL A 96 27.53 -9.86 -6.66
CA VAL A 96 26.59 -10.90 -7.07
C VAL A 96 26.06 -10.57 -8.46
N PRO A 97 26.42 -11.33 -9.49
CA PRO A 97 25.76 -11.17 -10.79
C PRO A 97 24.26 -11.35 -10.65
N ASP A 98 23.51 -10.38 -11.13
CA ASP A 98 22.07 -10.29 -10.89
C ASP A 98 21.79 -10.28 -9.39
N TYR A 99 22.42 -9.30 -8.72
CA TYR A 99 22.26 -9.14 -7.28
C TYR A 99 20.80 -8.97 -6.89
N ALA A 100 20.05 -8.19 -7.66
CA ALA A 100 18.67 -7.89 -7.31
C ALA A 100 17.79 -9.14 -7.34
N SER A 101 18.10 -10.10 -8.21
CA SER A 101 17.27 -11.30 -8.29
C SER A 101 17.46 -12.19 -7.07
N LEU A 102 18.70 -12.30 -6.58
CA LEU A 102 18.94 -13.09 -5.38
C LEU A 102 18.33 -12.43 -4.15
N ARG A 103 18.51 -11.10 -4.03
CA ARG A 103 17.87 -10.36 -2.96
C ARG A 103 16.35 -10.53 -3.01
N SER A 104 15.78 -10.53 -4.21
CA SER A 104 14.33 -10.69 -4.35
C SER A 104 13.89 -12.10 -3.96
N LEU A 105 14.62 -13.12 -4.38
CA LEU A 105 14.18 -14.49 -4.10
C LEU A 105 14.31 -14.82 -2.61
N VAL A 106 15.36 -14.32 -1.96
CA VAL A 106 15.50 -14.56 -0.52
C VAL A 106 14.46 -13.75 0.25
N ALA A 107 14.17 -12.52 -0.20
CA ALA A 107 13.19 -11.70 0.50
C ALA A 107 11.80 -12.32 0.43
N SER A 108 11.39 -12.76 -0.75
CA SER A 108 10.06 -13.36 -0.90
C SER A 108 9.95 -14.71 -0.21
N SER A 109 11.08 -15.41 -0.03
CA SER A 109 11.05 -16.67 0.71
C SER A 109 10.81 -16.42 2.20
N GLY A 110 11.44 -15.37 2.74
CA GLY A 110 11.16 -14.95 4.10
C GLY A 110 11.84 -15.74 5.19
N THR A 111 13.00 -16.33 4.92
CA THR A 111 13.68 -17.10 5.93
C THR A 111 15.16 -17.23 5.59
N LEU A 112 15.97 -17.41 6.64
CA LEU A 112 17.37 -17.76 6.50
C LEU A 112 17.67 -19.12 7.12
N GLU A 113 16.64 -19.96 7.28
CA GLU A 113 16.82 -21.28 7.87
C GLU A 113 17.83 -22.08 7.08
N PHE A 114 18.91 -22.48 7.75
CA PHE A 114 20.06 -23.10 7.11
C PHE A 114 20.37 -24.44 7.76
N LYS A 115 20.65 -25.44 6.93
CA LYS A 115 20.99 -26.78 7.39
C LYS A 115 22.39 -27.14 6.90
N ASN A 116 23.28 -27.43 7.83
CA ASN A 116 24.64 -27.79 7.46
C ASN A 116 24.69 -29.17 6.82
N GLU A 117 25.62 -29.34 5.88
CA GLU A 117 25.75 -30.57 5.13
C GLU A 117 27.22 -30.92 4.98
N SER A 118 27.51 -32.23 4.94
CA SER A 118 28.87 -32.74 4.88
C SER A 118 29.21 -33.14 3.45
N PHE A 119 29.89 -32.25 2.73
CA PHE A 119 30.42 -32.57 1.42
C PHE A 119 31.78 -33.24 1.58
N ASN A 120 32.19 -33.98 0.54
CA ASN A 120 33.45 -34.73 0.58
C ASN A 120 34.56 -33.87 -0.02
N TRP A 121 35.04 -32.91 0.78
CA TRP A 121 36.22 -32.13 0.42
C TRP A 121 37.47 -32.84 0.95
N THR A 122 37.75 -34.00 0.35
CA THR A 122 38.76 -34.89 0.91
C THR A 122 40.16 -34.30 0.79
N GLY A 123 40.56 -33.89 -0.41
CA GLY A 123 41.95 -33.54 -0.65
C GLY A 123 42.29 -32.08 -0.65
N VAL A 124 41.52 -31.25 0.07
CA VAL A 124 41.71 -29.81 0.04
C VAL A 124 41.73 -29.26 1.46
N THR A 125 42.23 -28.03 1.58
CA THR A 125 42.26 -27.32 2.85
C THR A 125 40.99 -26.49 2.99
N GLN A 126 40.17 -26.83 3.98
CA GLN A 126 38.92 -26.13 4.22
C GLN A 126 39.15 -24.89 5.08
N ASN A 127 38.08 -24.11 5.25
CA ASN A 127 38.02 -23.03 6.23
C ASN A 127 39.05 -21.93 5.96
N GLY A 128 39.18 -21.55 4.68
CA GLY A 128 40.04 -20.43 4.36
C GLY A 128 39.50 -19.13 4.93
N LYS A 129 40.40 -18.32 5.50
CA LYS A 129 40.02 -17.11 6.22
C LYS A 129 40.75 -15.92 5.62
N SER A 130 40.48 -14.74 6.19
CA SER A 130 41.07 -13.50 5.71
C SER A 130 40.89 -12.42 6.77
N SER A 131 41.81 -11.46 6.78
CA SER A 131 41.74 -10.34 7.72
C SER A 131 40.73 -9.29 7.29
N ALA A 132 40.19 -9.37 6.06
CA ALA A 132 39.12 -8.47 5.66
C ALA A 132 37.79 -8.85 6.29
N CYS A 133 37.68 -10.06 6.82
CA CYS A 133 36.45 -10.57 7.44
C CYS A 133 36.80 -10.96 8.87
N ILE A 134 36.65 -10.03 9.80
CA ILE A 134 37.08 -10.21 11.17
C ILE A 134 35.89 -10.62 12.02
N ARG A 135 36.01 -11.76 12.70
CA ARG A 135 34.99 -12.26 13.61
C ARG A 135 35.65 -12.56 14.95
N ARG A 136 35.26 -11.82 15.98
CA ARG A 136 35.81 -11.97 17.34
C ARG A 136 37.32 -11.69 17.35
N SER A 137 37.68 -10.53 16.81
CA SER A 137 39.08 -10.06 16.81
C SER A 137 40.01 -11.11 16.19
N SER A 138 39.57 -11.71 15.10
CA SER A 138 40.34 -12.77 14.46
C SER A 138 39.90 -12.88 13.00
N SER A 139 40.86 -13.17 12.13
CA SER A 139 40.57 -13.33 10.71
C SER A 139 39.58 -14.49 10.51
N SER A 140 38.57 -14.26 9.69
CA SER A 140 37.50 -15.23 9.53
C SER A 140 36.97 -15.14 8.09
N PHE A 141 35.75 -15.63 7.89
CA PHE A 141 35.16 -15.70 6.56
C PHE A 141 33.64 -15.72 6.71
N PHE A 142 32.95 -15.69 5.57
CA PHE A 142 31.51 -15.83 5.56
C PHE A 142 31.11 -17.14 6.23
N SER A 143 30.12 -17.05 7.13
CA SER A 143 29.76 -18.22 7.93
C SER A 143 29.25 -19.36 7.06
N ARG A 144 28.52 -19.05 5.99
CA ARG A 144 27.87 -20.06 5.17
C ARG A 144 28.69 -20.49 3.97
N LEU A 145 29.92 -19.98 3.82
CA LEU A 145 30.76 -20.32 2.69
C LEU A 145 32.07 -20.94 3.16
N ASN A 146 32.65 -21.79 2.31
CA ASN A 146 33.80 -22.62 2.66
C ASN A 146 34.91 -22.39 1.64
N TRP A 147 35.89 -21.57 2.01
CA TRP A 147 37.02 -21.26 1.14
C TRP A 147 37.98 -22.45 1.10
N LEU A 148 38.10 -23.08 -0.06
CA LEU A 148 38.96 -24.25 -0.24
C LEU A 148 40.25 -23.84 -0.93
N THR A 149 41.38 -24.26 -0.38
CA THR A 149 42.69 -24.00 -0.94
C THR A 149 43.43 -25.33 -1.09
N HIS A 150 44.68 -25.26 -1.55
CA HIS A 150 45.44 -26.48 -1.77
C HIS A 150 45.85 -27.11 -0.44
N LEU A 151 46.16 -28.40 -0.50
CA LEU A 151 46.73 -29.14 0.63
C LEU A 151 47.95 -29.90 0.12
N ASN A 152 49.09 -29.67 0.76
CA ASN A 152 50.38 -30.21 0.29
C ASN A 152 50.64 -29.74 -1.15
N TYR A 153 50.35 -28.47 -1.41
CA TYR A 153 50.78 -27.81 -2.65
C TYR A 153 50.24 -28.55 -3.88
N THR A 154 49.08 -29.19 -3.71
CA THR A 154 48.36 -29.84 -4.80
C THR A 154 46.88 -29.58 -4.60
N TYR A 155 46.16 -29.44 -5.71
CA TYR A 155 44.72 -29.24 -5.68
C TYR A 155 44.04 -30.34 -6.50
N PRO A 156 43.39 -31.31 -5.87
CA PRO A 156 42.80 -32.41 -6.64
C PRO A 156 41.44 -32.03 -7.20
N ALA A 157 41.20 -32.44 -8.44
CA ALA A 157 39.95 -32.15 -9.13
C ALA A 157 38.76 -32.71 -8.37
N LEU A 158 37.96 -31.83 -7.77
CA LEU A 158 36.86 -32.25 -6.92
C LEU A 158 35.67 -32.70 -7.76
N ASN A 159 34.94 -33.69 -7.21
CA ASN A 159 33.74 -34.23 -7.85
C ASN A 159 32.84 -34.74 -6.72
N VAL A 160 31.95 -33.87 -6.25
CA VAL A 160 31.18 -34.10 -5.04
C VAL A 160 29.70 -34.07 -5.38
N THR A 161 28.92 -34.90 -4.70
CA THR A 161 27.50 -35.05 -4.93
C THR A 161 26.73 -34.73 -3.65
N MET A 162 25.52 -34.18 -3.83
CA MET A 162 24.62 -33.93 -2.72
C MET A 162 23.18 -34.11 -3.17
N PRO A 163 22.51 -35.18 -2.74
CA PRO A 163 21.14 -35.42 -3.19
C PRO A 163 20.12 -34.65 -2.36
N ASN A 164 19.01 -34.33 -3.00
CA ASN A 164 17.89 -33.66 -2.34
C ASN A 164 16.82 -34.72 -2.09
N LYS A 165 16.85 -35.30 -0.89
CA LYS A 165 15.86 -36.27 -0.46
C LYS A 165 14.77 -35.65 0.40
N GLU A 166 14.75 -34.32 0.52
CA GLU A 166 13.71 -33.65 1.28
C GLU A 166 12.44 -33.52 0.43
N GLN A 167 11.43 -32.84 1.00
CA GLN A 167 10.19 -32.56 0.29
C GLN A 167 10.06 -31.09 -0.08
N PHE A 168 11.18 -30.37 -0.16
CA PHE A 168 11.18 -28.97 -0.53
C PHE A 168 12.42 -28.66 -1.34
N ASP A 169 12.40 -27.52 -2.02
CA ASP A 169 13.53 -27.09 -2.81
C ASP A 169 14.65 -26.58 -1.91
N LYS A 170 15.89 -26.76 -2.37
CA LYS A 170 17.07 -26.32 -1.66
C LYS A 170 17.70 -25.14 -2.38
N LEU A 171 18.17 -24.16 -1.62
CA LEU A 171 18.90 -23.02 -2.15
C LEU A 171 20.35 -23.12 -1.70
N TYR A 172 21.25 -23.35 -2.66
CA TYR A 172 22.67 -23.44 -2.38
C TYR A 172 23.36 -22.15 -2.83
N ILE A 173 24.12 -21.55 -1.93
CA ILE A 173 24.89 -20.35 -2.21
C ILE A 173 26.35 -20.73 -2.31
N TRP A 174 26.96 -20.49 -3.46
CA TRP A 174 28.36 -20.80 -3.70
C TRP A 174 28.99 -19.62 -4.45
N GLY A 175 30.25 -19.78 -4.84
CA GLY A 175 30.90 -18.68 -5.53
C GLY A 175 32.24 -19.08 -6.09
N VAL A 176 32.88 -18.12 -6.74
CA VAL A 176 34.18 -18.28 -7.37
C VAL A 176 35.10 -17.16 -6.88
N HIS A 177 36.36 -17.51 -6.62
CA HIS A 177 37.36 -16.54 -6.19
C HIS A 177 38.11 -16.00 -7.41
N HIS A 178 38.28 -14.67 -7.44
CA HIS A 178 39.01 -14.00 -8.52
C HIS A 178 40.33 -13.47 -7.96
N PRO A 179 41.42 -14.22 -8.06
CA PRO A 179 42.69 -13.76 -7.48
C PRO A 179 43.22 -12.50 -8.18
N GLY A 180 43.82 -11.62 -7.38
CA GLY A 180 44.29 -10.35 -7.91
C GLY A 180 45.44 -10.49 -8.88
N THR A 181 46.27 -11.52 -8.73
CA THR A 181 47.42 -11.72 -9.59
C THR A 181 47.53 -13.19 -9.98
N ASP A 182 48.32 -13.44 -11.03
CA ASP A 182 48.58 -14.81 -11.44
C ASP A 182 49.37 -15.56 -10.37
N LYS A 183 50.14 -14.84 -9.56
CA LYS A 183 50.89 -15.48 -8.47
C LYS A 183 49.95 -15.93 -7.36
N ASP A 184 48.95 -15.12 -7.02
CA ASP A 184 47.99 -15.51 -5.99
C ASP A 184 47.24 -16.76 -6.40
N GLN A 185 46.94 -16.89 -7.70
CA GLN A 185 46.27 -18.10 -8.19
C GLN A 185 47.11 -19.34 -7.94
N ILE A 186 48.43 -19.20 -7.98
CA ILE A 186 49.31 -20.32 -7.60
C ILE A 186 49.36 -20.48 -6.09
N PHE A 187 49.46 -19.37 -5.36
CA PHE A 187 49.61 -19.43 -3.91
C PHE A 187 48.41 -20.10 -3.24
N LEU A 188 47.24 -20.06 -3.88
CA LEU A 188 46.02 -20.55 -3.27
C LEU A 188 45.57 -21.91 -3.79
N TYR A 189 45.71 -22.16 -5.10
CA TYR A 189 45.13 -23.37 -5.70
C TYR A 189 46.11 -24.18 -6.53
N ALA A 190 47.40 -23.83 -6.51
CA ALA A 190 48.47 -24.67 -7.05
C ALA A 190 48.29 -24.97 -8.53
N GLN A 191 47.73 -24.02 -9.28
CA GLN A 191 47.63 -24.09 -10.74
C GLN A 191 47.02 -22.78 -11.22
N SER A 192 47.16 -22.51 -12.51
CA SER A 192 46.73 -21.25 -13.09
C SER A 192 45.32 -21.30 -13.68
N SER A 193 44.73 -22.49 -13.83
CA SER A 193 43.44 -22.64 -14.50
C SER A 193 42.45 -23.26 -13.51
N GLY A 194 41.57 -22.44 -12.96
CA GLY A 194 40.46 -22.93 -12.17
C GLY A 194 39.24 -23.17 -13.05
N ARG A 195 38.50 -24.22 -12.74
CA ARG A 195 37.28 -24.56 -13.45
C ARG A 195 36.21 -24.92 -12.44
N ILE A 196 34.97 -24.52 -12.72
CA ILE A 196 33.85 -24.78 -11.83
C ILE A 196 32.64 -25.17 -12.68
N THR A 197 31.96 -26.25 -12.29
CA THR A 197 30.76 -26.73 -13.00
C THR A 197 29.78 -27.26 -11.95
N VAL A 198 28.85 -26.41 -11.54
CA VAL A 198 27.76 -26.78 -10.65
C VAL A 198 26.55 -27.13 -11.50
N SER A 199 25.95 -28.29 -11.26
CA SER A 199 24.91 -28.78 -12.14
C SER A 199 23.92 -29.65 -11.38
N THR A 200 22.71 -29.74 -11.93
CA THR A 200 21.69 -30.68 -11.49
C THR A 200 21.15 -31.40 -12.72
N LYS A 201 20.04 -32.12 -12.56
CA LYS A 201 19.36 -32.68 -13.73
C LYS A 201 18.58 -31.63 -14.50
N ARG A 202 18.40 -30.43 -13.95
CA ARG A 202 17.62 -29.39 -14.57
C ARG A 202 18.40 -28.11 -14.86
N SER A 203 19.68 -28.04 -14.49
CA SER A 203 20.43 -26.81 -14.64
C SER A 203 21.91 -27.12 -14.73
N GLN A 204 22.64 -26.22 -15.39
CA GLN A 204 24.10 -26.28 -15.45
C GLN A 204 24.65 -24.87 -15.35
N GLN A 205 25.72 -24.71 -14.57
CA GLN A 205 26.38 -23.43 -14.41
C GLN A 205 27.89 -23.65 -14.46
N ALA A 206 28.58 -22.80 -15.22
CA ALA A 206 30.02 -22.93 -15.40
C ALA A 206 30.67 -21.56 -15.29
N VAL A 207 31.66 -21.45 -14.42
CA VAL A 207 32.36 -20.20 -14.15
C VAL A 207 33.85 -20.44 -14.29
N ILE A 208 34.54 -19.48 -14.91
CA ILE A 208 36.00 -19.47 -14.97
C ILE A 208 36.49 -18.24 -14.21
N PRO A 209 37.51 -18.35 -13.36
CA PRO A 209 38.01 -17.17 -12.66
C PRO A 209 38.59 -16.16 -13.65
N ASN A 210 38.58 -14.91 -13.23
CA ASN A 210 39.12 -13.80 -14.02
C ASN A 210 40.23 -13.13 -13.20
N ILE A 211 41.47 -13.52 -13.48
CA ILE A 211 42.60 -12.99 -12.74
C ILE A 211 42.87 -11.56 -13.16
N GLY A 212 43.14 -10.71 -12.19
CA GLY A 212 43.37 -9.30 -12.44
C GLY A 212 43.20 -8.49 -11.19
N SER A 213 43.76 -7.28 -11.23
CA SER A 213 43.77 -6.40 -10.07
C SER A 213 42.53 -5.52 -10.07
N ARG A 214 41.79 -5.56 -8.98
CA ARG A 214 40.70 -4.67 -8.61
C ARG A 214 41.17 -3.74 -7.49
N PRO A 215 40.61 -2.54 -7.36
CA PRO A 215 40.98 -1.67 -6.25
C PRO A 215 40.75 -2.36 -4.92
N ARG A 216 41.58 -2.02 -3.95
CA ARG A 216 41.62 -2.75 -2.68
C ARG A 216 40.51 -2.30 -1.74
N ILE A 217 39.80 -3.27 -1.18
CA ILE A 217 38.83 -3.05 -0.11
C ILE A 217 39.30 -3.87 1.08
N ARG A 218 39.62 -3.18 2.18
CA ARG A 218 40.24 -3.81 3.35
C ARG A 218 41.52 -4.54 2.94
N ASP A 219 42.29 -3.90 2.06
CA ASP A 219 43.59 -4.40 1.60
C ASP A 219 43.47 -5.70 0.80
N ILE A 220 42.35 -5.90 0.13
CA ILE A 220 42.16 -7.09 -0.70
C ILE A 220 41.90 -6.67 -2.14
N PRO A 221 42.82 -6.95 -3.07
CA PRO A 221 42.56 -6.71 -4.49
C PRO A 221 41.82 -7.85 -5.18
N SER A 222 41.57 -8.95 -4.49
CA SER A 222 40.82 -10.07 -5.03
C SER A 222 39.32 -9.81 -4.88
N ARG A 223 38.52 -10.64 -5.54
CA ARG A 223 37.07 -10.53 -5.48
C ARG A 223 36.44 -11.91 -5.49
N ILE A 224 35.25 -12.00 -4.91
CA ILE A 224 34.41 -13.18 -4.97
C ILE A 224 33.15 -12.83 -5.75
N SER A 225 32.70 -13.75 -6.60
CA SER A 225 31.44 -13.61 -7.31
C SER A 225 30.50 -14.70 -6.83
N ILE A 226 29.36 -14.29 -6.27
CA ILE A 226 28.41 -15.21 -5.65
C ILE A 226 27.42 -15.70 -6.70
N TYR A 227 27.13 -16.99 -6.67
CA TYR A 227 26.12 -17.61 -7.52
C TYR A 227 25.22 -18.48 -6.64
N TRP A 228 24.07 -18.85 -7.19
CA TRP A 228 23.13 -19.70 -6.46
C TRP A 228 22.57 -20.76 -7.39
N THR A 229 22.07 -21.83 -6.78
CA THR A 229 21.51 -22.97 -7.50
C THR A 229 20.35 -23.52 -6.68
N ILE A 230 19.29 -23.93 -7.36
CA ILE A 230 18.10 -24.49 -6.74
C ILE A 230 18.02 -25.97 -7.10
N VAL A 231 17.86 -26.82 -6.08
CA VAL A 231 17.79 -28.27 -6.27
C VAL A 231 16.39 -28.72 -5.87
N LYS A 232 15.69 -29.31 -6.83
CA LYS A 232 14.33 -29.80 -6.61
C LYS A 232 14.34 -31.11 -5.83
N PRO A 233 13.21 -31.47 -5.21
CA PRO A 233 13.10 -32.81 -4.61
C PRO A 233 13.37 -33.89 -5.65
N GLY A 234 14.14 -34.90 -5.25
CA GLY A 234 14.55 -35.95 -6.16
C GLY A 234 15.72 -35.60 -7.04
N ASP A 235 16.10 -34.33 -7.13
CA ASP A 235 17.25 -33.92 -7.92
C ASP A 235 18.53 -34.09 -7.10
N ILE A 236 19.67 -33.77 -7.71
CA ILE A 236 20.97 -33.98 -7.09
C ILE A 236 21.90 -32.84 -7.46
N LEU A 237 22.60 -32.31 -6.47
CA LEU A 237 23.63 -31.31 -6.70
C LEU A 237 24.95 -32.01 -7.04
N LEU A 238 25.69 -31.42 -7.98
CA LEU A 238 26.94 -32.02 -8.45
C LEU A 238 27.95 -30.92 -8.71
N ILE A 239 28.93 -30.80 -7.83
CA ILE A 239 30.00 -29.80 -7.94
C ILE A 239 31.25 -30.50 -8.44
N ASN A 240 31.88 -29.92 -9.48
CA ASN A 240 33.02 -30.51 -10.17
C ASN A 240 33.96 -29.36 -10.49
N SER A 241 35.05 -29.25 -9.72
CA SER A 241 35.88 -28.07 -9.79
C SER A 241 37.35 -28.43 -9.61
N THR A 242 38.22 -27.67 -10.29
CA THR A 242 39.66 -27.76 -10.13
C THR A 242 40.25 -26.44 -9.63
N GLY A 243 39.56 -25.79 -8.71
CA GLY A 243 40.11 -24.60 -8.09
C GLY A 243 39.20 -23.39 -8.04
N ASN A 244 39.54 -22.45 -7.14
CA ASN A 244 38.86 -21.16 -7.01
C ASN A 244 37.41 -21.28 -6.59
N LEU A 245 37.00 -22.42 -6.01
CA LEU A 245 35.61 -22.64 -5.65
C LEU A 245 35.39 -22.20 -4.20
N ILE A 246 34.44 -21.28 -4.02
CA ILE A 246 33.92 -20.95 -2.70
C ILE A 246 32.73 -21.89 -2.45
N ALA A 247 32.96 -22.91 -1.64
CA ALA A 247 32.05 -24.03 -1.53
C ALA A 247 30.88 -23.70 -0.59
N PRO A 248 29.71 -24.30 -0.83
CA PRO A 248 28.61 -24.18 0.12
C PRO A 248 28.79 -25.09 1.31
N ARG A 249 28.37 -24.61 2.48
CA ARG A 249 28.36 -25.41 3.70
C ARG A 249 27.03 -26.09 3.93
N GLY A 250 26.04 -25.87 3.08
CA GLY A 250 24.72 -26.43 3.26
C GLY A 250 23.72 -25.73 2.37
N TYR A 251 22.46 -25.78 2.77
CA TYR A 251 21.37 -25.21 1.97
C TYR A 251 20.46 -24.37 2.85
N PHE A 252 19.76 -23.45 2.21
CA PHE A 252 18.67 -22.71 2.83
C PHE A 252 17.34 -23.29 2.36
N LYS A 253 16.35 -23.30 3.26
CA LYS A 253 15.00 -23.60 2.85
C LYS A 253 14.42 -22.42 2.09
N ILE A 254 13.85 -22.68 0.92
CA ILE A 254 13.15 -21.66 0.15
C ILE A 254 11.66 -21.88 0.36
N ARG A 255 11.03 -20.96 1.07
CA ARG A 255 9.59 -20.98 1.29
C ARG A 255 8.90 -20.09 0.28
N SER A 256 7.58 -20.02 0.37
CA SER A 256 6.79 -19.14 -0.49
C SER A 256 5.62 -18.61 0.33
N GLY A 257 5.48 -17.29 0.39
CA GLY A 257 4.43 -16.68 1.17
C GLY A 257 4.28 -15.19 0.92
N LYS A 258 4.06 -14.43 1.99
CA LYS A 258 3.79 -13.01 1.91
C LYS A 258 5.03 -12.16 2.17
N SER A 259 6.20 -12.76 2.28
CA SER A 259 7.39 -12.04 2.71
C SER A 259 7.95 -11.17 1.60
N SER A 260 8.61 -10.09 2.00
CA SER A 260 9.26 -9.17 1.08
C SER A 260 10.29 -8.34 1.84
N ILE A 261 10.81 -7.31 1.18
CA ILE A 261 11.87 -6.47 1.74
C ILE A 261 11.56 -5.02 1.39
N MET A 262 11.97 -4.11 2.28
CA MET A 262 11.72 -2.68 2.09
C MET A 262 12.89 -1.87 2.62
N ARG A 263 13.38 -0.94 1.81
CA ARG A 263 14.39 0.01 2.26
C ARG A 263 13.71 1.14 3.03
N SER A 264 14.10 1.32 4.28
CA SER A 264 13.49 2.35 5.11
C SER A 264 14.40 2.67 6.27
N ASP A 265 14.41 3.94 6.66
CA ASP A 265 15.12 4.38 7.86
C ASP A 265 14.18 4.72 9.00
N ALA A 266 12.88 4.47 8.84
CA ALA A 266 11.93 4.74 9.92
C ALA A 266 12.16 3.75 11.06
N PRO A 267 12.09 4.20 12.31
CA PRO A 267 12.24 3.28 13.44
C PRO A 267 11.03 2.37 13.58
N ILE A 268 11.26 1.23 14.21
CA ILE A 268 10.20 0.27 14.50
C ILE A 268 9.55 0.66 15.82
N GLY A 269 8.20 0.64 15.83
CA GLY A 269 7.45 1.03 17.00
C GLY A 269 6.54 -0.10 17.47
N LYS A 270 5.99 0.10 18.67
CA LYS A 270 5.07 -0.87 19.28
C LYS A 270 3.65 -0.41 18.98
N CYS A 271 3.12 -0.82 17.83
CA CYS A 271 1.76 -0.46 17.45
C CYS A 271 1.27 -1.47 16.43
N LYS A 272 0.07 -1.23 15.91
CA LYS A 272 -0.58 -2.13 14.96
C LYS A 272 -1.04 -1.34 13.74
N SER A 273 -0.67 -1.82 12.56
CA SER A 273 -1.07 -1.17 11.31
C SER A 273 -0.86 -2.15 10.16
N GLU A 274 -1.91 -2.35 9.35
CA GLU A 274 -1.82 -3.29 8.25
C GLU A 274 -0.86 -2.81 7.16
N CYS A 275 -0.71 -1.50 6.99
CA CYS A 275 0.02 -0.93 5.88
C CYS A 275 1.34 -0.34 6.33
N ILE A 276 2.41 -0.62 5.58
CA ILE A 276 3.75 -0.13 5.86
C ILE A 276 4.28 0.57 4.61
N THR A 277 4.85 1.75 4.80
CA THR A 277 5.59 2.49 3.79
C THR A 277 6.98 2.81 4.33
N PRO A 278 7.94 3.13 3.45
CA PRO A 278 9.27 3.52 3.95
C PRO A 278 9.24 4.72 4.87
N ASN A 279 8.23 5.59 4.73
CA ASN A 279 8.05 6.70 5.67
C ASN A 279 7.54 6.23 7.03
N GLY A 280 7.06 5.00 7.13
CA GLY A 280 6.37 4.51 8.30
C GLY A 280 4.98 4.00 7.96
N SER A 281 4.33 3.45 8.97
CA SER A 281 2.99 2.90 8.78
C SER A 281 1.98 4.02 8.58
N ILE A 282 0.97 3.74 7.77
CA ILE A 282 -0.11 4.69 7.50
C ILE A 282 -1.45 4.00 7.78
N PRO A 283 -2.47 4.75 8.20
CA PRO A 283 -3.81 4.16 8.27
C PRO A 283 -4.30 3.78 6.88
N ASN A 284 -5.15 2.76 6.82
CA ASN A 284 -5.64 2.24 5.55
C ASN A 284 -7.17 2.33 5.44
N ASP A 285 -7.79 3.26 6.17
CA ASP A 285 -9.23 3.45 6.03
C ASP A 285 -9.57 4.12 4.71
N LYS A 286 -8.72 5.03 4.25
CA LYS A 286 -8.94 5.70 2.98
C LYS A 286 -8.48 4.82 1.82
N PRO A 287 -9.10 4.97 0.63
CA PRO A 287 -8.72 4.11 -0.49
C PRO A 287 -7.50 4.59 -1.26
N PHE A 288 -7.03 5.81 -1.04
CA PHE A 288 -5.88 6.34 -1.75
C PHE A 288 -4.90 6.97 -0.78
N GLN A 289 -3.67 7.17 -1.24
CA GLN A 289 -2.63 7.77 -0.43
C GLN A 289 -1.55 8.33 -1.35
N ASN A 290 -0.89 9.39 -0.90
CA ASN A 290 0.22 9.98 -1.63
C ASN A 290 1.49 10.01 -0.77
N VAL A 291 1.60 9.07 0.16
CA VAL A 291 2.76 9.00 1.04
C VAL A 291 3.95 8.39 0.32
N ASN A 292 3.76 7.21 -0.28
CA ASN A 292 4.85 6.51 -0.94
C ASN A 292 4.29 5.48 -1.90
N ARG A 293 4.91 5.38 -3.08
CA ARG A 293 4.52 4.34 -4.04
C ARG A 293 4.97 2.95 -3.58
N ILE A 294 5.91 2.87 -2.65
CA ILE A 294 6.36 1.60 -2.10
C ILE A 294 5.53 1.29 -0.86
N THR A 295 4.79 0.18 -0.89
CA THR A 295 3.91 -0.20 0.20
C THR A 295 4.03 -1.70 0.47
N TYR A 296 3.59 -2.09 1.67
CA TYR A 296 3.52 -3.49 2.05
C TYR A 296 2.28 -3.71 2.89
N GLY A 297 1.44 -4.66 2.48
CA GLY A 297 0.24 -5.00 3.22
C GLY A 297 -1.02 -4.43 2.59
N ALA A 298 -2.10 -4.48 3.36
CA ALA A 298 -3.38 -3.91 2.96
C ALA A 298 -3.26 -2.40 2.95
N CYS A 299 -3.01 -1.83 1.78
CA CYS A 299 -2.62 -0.44 1.67
C CYS A 299 -3.52 0.32 0.72
N PRO A 300 -3.78 1.60 1.00
CA PRO A 300 -4.42 2.46 0.00
C PRO A 300 -3.54 2.59 -1.22
N ARG A 301 -4.17 2.74 -2.37
CA ARG A 301 -3.44 2.84 -3.63
C ARG A 301 -2.75 4.19 -3.75
N TYR A 302 -1.52 4.18 -4.27
CA TYR A 302 -0.76 5.41 -4.42
C TYR A 302 -1.28 6.22 -5.60
N VAL A 303 -1.56 7.50 -5.34
CA VAL A 303 -1.91 8.47 -6.36
C VAL A 303 -1.03 9.70 -6.15
N LYS A 304 -1.03 10.59 -7.15
CA LYS A 304 -0.20 11.78 -7.11
C LYS A 304 -0.97 13.03 -6.72
N HIS A 305 -2.19 12.89 -6.24
CA HIS A 305 -2.96 14.01 -5.72
C HIS A 305 -2.76 14.13 -4.22
N SER A 306 -2.61 15.37 -3.75
CA SER A 306 -2.44 15.61 -2.31
C SER A 306 -3.75 15.58 -1.56
N THR A 307 -4.88 15.83 -2.22
CA THR A 307 -6.18 15.81 -1.56
C THR A 307 -7.25 15.50 -2.59
N LEU A 308 -8.21 14.66 -2.19
CA LEU A 308 -9.40 14.36 -2.98
C LEU A 308 -10.56 14.22 -2.00
N LYS A 309 -11.35 15.28 -1.85
CA LYS A 309 -12.42 15.31 -0.87
C LYS A 309 -13.70 14.78 -1.49
N LEU A 310 -14.25 13.72 -0.89
CA LEU A 310 -15.53 13.17 -1.30
C LEU A 310 -16.65 13.85 -0.51
N ALA A 311 -17.57 14.50 -1.23
CA ALA A 311 -18.66 15.19 -0.58
C ALA A 311 -19.58 14.20 0.13
N THR A 312 -19.88 14.47 1.40
CA THR A 312 -20.77 13.63 2.18
C THR A 312 -22.02 14.39 2.60
N GLY A 313 -22.29 15.52 1.95
CA GLY A 313 -23.48 16.31 2.24
C GLY A 313 -23.90 17.10 1.03
N MET A 314 -25.02 17.79 1.18
CA MET A 314 -25.56 18.59 0.08
C MET A 314 -24.74 19.86 -0.11
N ARG A 315 -25.10 20.60 -1.16
CA ARG A 315 -24.51 21.91 -1.39
C ARG A 315 -24.85 22.84 -0.23
N ASN A 316 -23.86 23.58 0.23
CA ASN A 316 -24.03 24.48 1.37
C ASN A 316 -24.46 25.86 0.89
N VAL A 317 -25.66 26.28 1.28
CA VAL A 317 -26.17 27.61 0.99
C VAL A 317 -26.52 28.29 2.31
N PRO A 318 -25.59 29.00 2.94
CA PRO A 318 -25.88 29.62 4.24
C PRO A 318 -26.74 30.86 4.11
N GLU A 319 -27.31 31.26 5.24
CA GLU A 319 -28.23 32.40 5.28
C GLU A 319 -27.51 33.72 5.05
N GLY B 1 -27.72 22.44 -8.47
CA GLY B 1 -28.21 21.09 -8.66
C GLY B 1 -29.00 20.94 -9.95
N ILE B 2 -29.08 19.70 -10.45
CA ILE B 2 -29.76 19.44 -11.71
C ILE B 2 -31.28 19.41 -11.57
N PHE B 3 -31.79 19.47 -10.33
CA PHE B 3 -33.23 19.51 -10.11
C PHE B 3 -33.74 20.90 -9.75
N GLY B 4 -32.85 21.83 -9.38
CA GLY B 4 -33.21 23.22 -9.24
C GLY B 4 -33.85 23.61 -7.93
N ALA B 5 -33.79 22.75 -6.90
CA ALA B 5 -34.35 23.10 -5.59
C ALA B 5 -33.27 23.73 -4.70
N ILE B 6 -32.31 22.92 -4.26
CA ILE B 6 -31.20 23.43 -3.46
C ILE B 6 -30.35 24.37 -4.31
N ALA B 7 -30.07 25.57 -3.77
CA ALA B 7 -29.44 26.66 -4.51
C ALA B 7 -30.26 27.02 -5.76
N GLY B 8 -31.55 26.69 -5.74
CA GLY B 8 -32.44 26.99 -6.84
C GLY B 8 -33.63 27.83 -6.40
N PHE B 9 -34.84 27.28 -6.48
CA PHE B 9 -36.00 28.06 -6.05
C PHE B 9 -36.09 28.18 -4.54
N ILE B 10 -35.27 27.45 -3.79
CA ILE B 10 -35.09 27.69 -2.37
C ILE B 10 -33.85 28.56 -2.21
N GLU B 11 -34.05 29.75 -1.65
CA GLU B 11 -33.00 30.78 -1.71
C GLU B 11 -31.77 30.40 -0.89
N ASN B 12 -31.97 29.73 0.25
CA ASN B 12 -30.84 29.34 1.09
C ASN B 12 -31.28 28.24 2.04
N GLY B 13 -30.30 27.70 2.75
CA GLY B 13 -30.57 26.67 3.75
C GLY B 13 -30.75 27.25 5.14
N TRP B 14 -31.20 26.38 6.05
CA TRP B 14 -31.47 26.76 7.43
C TRP B 14 -30.34 26.26 8.31
N GLU B 15 -29.49 27.19 8.78
CA GLU B 15 -28.42 26.82 9.69
C GLU B 15 -28.96 26.34 11.04
N GLY B 16 -30.19 26.70 11.38
CA GLY B 16 -30.80 26.33 12.64
C GLY B 16 -31.45 24.96 12.69
N MET B 17 -31.42 24.21 11.58
CA MET B 17 -31.96 22.86 11.56
C MET B 17 -30.79 21.90 11.74
N VAL B 18 -30.61 21.41 12.96
CA VAL B 18 -29.48 20.55 13.32
C VAL B 18 -29.91 19.11 13.55
N ASP B 19 -31.20 18.80 13.47
CA ASP B 19 -31.69 17.45 13.68
C ASP B 19 -32.20 16.81 12.40
N GLY B 20 -32.00 17.44 11.26
CA GLY B 20 -32.46 16.88 10.00
C GLY B 20 -31.85 17.62 8.83
N TRP B 21 -31.89 16.96 7.68
CA TRP B 21 -31.38 17.55 6.44
C TRP B 21 -32.45 18.29 5.66
N TYR B 22 -33.69 17.84 5.74
CA TYR B 22 -34.82 18.52 5.11
C TYR B 22 -35.95 18.62 6.12
N GLY B 23 -36.79 19.63 5.96
CA GLY B 23 -37.86 19.83 6.92
C GLY B 23 -38.78 20.95 6.53
N PHE B 24 -39.64 21.33 7.48
CA PHE B 24 -40.71 22.29 7.27
C PHE B 24 -40.54 23.48 8.21
N ARG B 25 -40.88 24.66 7.71
CA ARG B 25 -41.05 25.85 8.54
C ARG B 25 -42.43 26.40 8.24
N HIS B 26 -43.22 26.65 9.27
CA HIS B 26 -44.61 27.03 9.11
C HIS B 26 -44.89 28.36 9.78
N GLN B 27 -46.08 28.90 9.48
CA GLN B 27 -46.53 30.17 10.05
C GLN B 27 -48.05 30.12 10.09
N ASN B 28 -48.62 29.95 11.29
CA ASN B 28 -50.07 29.91 11.44
C ASN B 28 -50.54 30.81 12.59
N SER B 29 -51.80 30.65 13.00
CA SER B 29 -52.32 31.51 14.05
C SER B 29 -51.68 31.23 15.40
N GLU B 30 -51.04 30.08 15.59
CA GLU B 30 -50.44 29.71 16.86
C GLU B 30 -48.93 29.99 16.92
N GLY B 31 -48.34 30.53 15.85
CA GLY B 31 -46.95 30.90 15.85
C GLY B 31 -46.23 30.37 14.64
N ARG B 32 -44.91 30.24 14.76
CA ARG B 32 -44.06 29.75 13.67
C ARG B 32 -43.03 28.78 14.24
N GLY B 33 -42.90 27.62 13.61
CA GLY B 33 -42.01 26.59 14.11
C GLY B 33 -41.22 25.94 12.98
N GLN B 34 -40.42 24.94 13.37
CA GLN B 34 -39.54 24.24 12.46
C GLN B 34 -39.47 22.78 12.86
N ALA B 35 -39.53 21.89 11.87
CA ALA B 35 -39.49 20.45 12.13
C ALA B 35 -38.81 19.74 10.97
N ALA B 36 -38.01 18.74 11.30
CA ALA B 36 -37.27 17.98 10.31
C ALA B 36 -38.11 16.82 9.78
N ASP B 37 -37.84 16.42 8.54
CA ASP B 37 -38.51 15.29 7.90
C ASP B 37 -37.60 14.07 7.95
N LEU B 38 -38.13 12.95 8.45
CA LEU B 38 -37.31 11.78 8.69
C LEU B 38 -37.01 11.01 7.40
N LYS B 39 -38.04 10.76 6.59
CA LYS B 39 -37.88 9.89 5.43
C LYS B 39 -36.89 10.47 4.43
N SER B 40 -37.04 11.75 4.09
CA SER B 40 -36.18 12.36 3.08
C SER B 40 -34.75 12.48 3.58
N THR B 41 -34.57 12.79 4.87
CA THR B 41 -33.23 12.86 5.44
C THR B 41 -32.54 11.51 5.40
N GLN B 42 -33.27 10.46 5.79
CA GLN B 42 -32.69 9.12 5.78
C GLN B 42 -32.39 8.64 4.37
N ALA B 43 -33.21 9.03 3.39
CA ALA B 43 -32.97 8.62 2.01
C ALA B 43 -31.65 9.17 1.50
N ALA B 44 -31.36 10.44 1.80
CA ALA B 44 -30.10 11.03 1.35
C ALA B 44 -28.92 10.43 2.10
N ILE B 45 -29.07 10.22 3.41
CA ILE B 45 -27.97 9.67 4.21
C ILE B 45 -27.68 8.23 3.81
N ASP B 46 -28.74 7.45 3.55
CA ASP B 46 -28.55 6.07 3.11
C ASP B 46 -27.76 6.00 1.80
N GLN B 47 -28.09 6.88 0.84
CA GLN B 47 -27.39 6.87 -0.44
C GLN B 47 -25.93 7.24 -0.27
N ILE B 48 -25.64 8.23 0.56
CA ILE B 48 -24.26 8.64 0.79
C ILE B 48 -23.50 7.56 1.53
N ASN B 49 -24.15 6.92 2.51
CA ASN B 49 -23.52 5.81 3.21
C ASN B 49 -23.22 4.65 2.28
N GLY B 50 -24.04 4.45 1.25
CA GLY B 50 -23.74 3.43 0.26
C GLY B 50 -22.48 3.73 -0.53
N LYS B 51 -22.23 5.01 -0.80
CA LYS B 51 -20.98 5.39 -1.46
C LYS B 51 -19.79 5.17 -0.55
N LEU B 52 -19.93 5.50 0.74
CA LEU B 52 -18.82 5.37 1.67
C LEU B 52 -18.45 3.90 1.91
N ASN B 53 -19.47 3.03 1.98
CA ASN B 53 -19.21 1.61 2.17
C ASN B 53 -18.46 1.00 1.00
N ARG B 54 -18.53 1.63 -0.18
CA ARG B 54 -17.78 1.16 -1.33
C ARG B 54 -16.32 1.60 -1.29
N LEU B 55 -16.03 2.72 -0.62
CA LEU B 55 -14.72 3.34 -0.68
C LEU B 55 -13.92 3.25 0.61
N ILE B 56 -14.57 3.25 1.77
CA ILE B 56 -13.88 3.25 3.05
C ILE B 56 -13.60 1.81 3.48
N GLY B 57 -12.37 1.54 3.88
CA GLY B 57 -11.99 0.24 4.37
C GLY B 57 -12.04 -0.88 3.35
N LYS B 58 -11.67 -0.59 2.11
CA LYS B 58 -11.74 -1.55 1.00
C LYS B 58 -10.41 -1.59 0.25
N THR B 59 -9.31 -1.71 0.99
CA THR B 59 -7.98 -1.67 0.40
C THR B 59 -7.54 -3.05 -0.07
N ASN B 60 -6.53 -3.07 -0.93
CA ASN B 60 -6.02 -4.29 -1.54
C ASN B 60 -4.68 -4.67 -0.91
N GLU B 61 -4.52 -5.97 -0.67
CA GLU B 61 -3.28 -6.50 -0.08
C GLU B 61 -2.27 -6.78 -1.18
N LYS B 62 -1.11 -6.13 -1.08
CA LYS B 62 0.03 -6.41 -1.95
C LYS B 62 1.25 -6.61 -1.07
N PHE B 63 2.05 -7.64 -1.39
CA PHE B 63 3.20 -7.99 -0.57
C PHE B 63 4.45 -7.79 -1.42
N HIS B 64 5.08 -8.86 -1.91
CA HIS B 64 6.28 -8.71 -2.71
C HIS B 64 5.94 -8.14 -4.08
N GLN B 65 6.55 -7.01 -4.42
CA GLN B 65 6.31 -6.34 -5.69
C GLN B 65 7.67 -6.03 -6.32
N ILE B 66 7.68 -5.12 -7.28
CA ILE B 66 8.90 -4.73 -7.96
C ILE B 66 9.56 -3.57 -7.22
N GLU B 67 10.85 -3.38 -7.47
CA GLU B 67 11.54 -2.21 -6.95
C GLU B 67 11.04 -0.96 -7.65
N LYS B 68 11.03 0.16 -6.92
CA LYS B 68 10.49 1.40 -7.43
C LYS B 68 11.41 2.60 -7.21
N GLU B 69 12.55 2.42 -6.54
CA GLU B 69 13.58 3.44 -6.45
C GLU B 69 14.92 2.81 -6.82
N PHE B 70 15.78 3.61 -7.46
CA PHE B 70 17.03 3.09 -7.98
C PHE B 70 18.15 4.09 -7.75
N SER B 71 19.27 3.61 -7.21
CA SER B 71 20.40 4.47 -6.92
C SER B 71 21.35 4.61 -8.09
N GLU B 72 21.49 3.56 -8.91
CA GLU B 72 22.46 3.57 -10.00
C GLU B 72 21.76 3.39 -11.34
N VAL B 73 22.49 3.74 -12.40
CA VAL B 73 22.03 3.54 -13.76
C VAL B 73 22.23 2.08 -14.13
N GLU B 74 21.22 1.48 -14.75
CA GLU B 74 21.32 0.10 -15.19
C GLU B 74 21.03 -0.02 -16.68
N GLY B 75 19.80 0.28 -17.08
CA GLY B 75 19.47 0.26 -18.49
C GLY B 75 18.07 -0.20 -18.82
N ARG B 76 17.98 -1.12 -19.79
CA ARG B 76 16.70 -1.47 -20.43
C ARG B 76 15.67 -1.92 -19.41
N VAL B 77 16.04 -2.86 -18.54
CA VAL B 77 15.07 -3.43 -17.62
C VAL B 77 14.63 -2.41 -16.57
N GLN B 78 15.56 -1.56 -16.12
CA GLN B 78 15.19 -0.53 -15.15
C GLN B 78 14.27 0.50 -15.78
N ASP B 79 14.47 0.82 -17.06
CA ASP B 79 13.58 1.74 -17.74
C ASP B 79 12.15 1.20 -17.78
N LEU B 80 12.01 -0.10 -18.03
CA LEU B 80 10.68 -0.71 -18.06
C LEU B 80 10.07 -0.74 -16.66
N GLU B 81 10.88 -1.05 -15.64
CA GLU B 81 10.37 -1.07 -14.28
C GLU B 81 9.84 0.30 -13.87
N LYS B 82 10.55 1.36 -14.24
CA LYS B 82 10.09 2.71 -13.96
C LYS B 82 8.86 3.06 -14.80
N TYR B 83 8.88 2.69 -16.08
CA TYR B 83 7.77 3.01 -16.96
C TYR B 83 6.49 2.30 -16.54
N VAL B 84 6.61 1.07 -16.06
CA VAL B 84 5.44 0.31 -15.62
C VAL B 84 4.80 0.99 -14.40
N GLU B 85 5.63 1.40 -13.44
CA GLU B 85 5.10 2.00 -12.22
C GLU B 85 4.53 3.38 -12.50
N ASP B 86 5.22 4.18 -13.33
CA ASP B 86 4.69 5.50 -13.68
C ASP B 86 3.38 5.38 -14.44
N THR B 87 3.30 4.39 -15.35
CA THR B 87 2.05 4.16 -16.07
C THR B 87 0.92 3.78 -15.13
N LYS B 88 1.21 2.92 -14.15
CA LYS B 88 0.19 2.49 -13.21
C LYS B 88 -0.29 3.64 -12.32
N ILE B 89 0.65 4.48 -11.87
CA ILE B 89 0.28 5.58 -10.98
C ILE B 89 -0.58 6.59 -11.70
N ASP B 90 -0.26 6.89 -12.97
CA ASP B 90 -1.05 7.84 -13.73
C ASP B 90 -2.48 7.35 -13.93
N LEU B 91 -2.64 6.04 -14.16
CA LEU B 91 -3.98 5.49 -14.37
C LEU B 91 -4.79 5.51 -13.09
N TRP B 92 -4.18 5.18 -11.96
CA TRP B 92 -4.91 5.22 -10.70
C TRP B 92 -5.15 6.65 -10.24
N SER B 93 -4.23 7.57 -10.55
CA SER B 93 -4.48 8.98 -10.26
C SER B 93 -5.64 9.51 -11.09
N TYR B 94 -5.75 9.06 -12.34
CA TYR B 94 -6.91 9.41 -13.16
C TYR B 94 -8.18 8.81 -12.58
N ASN B 95 -8.13 7.51 -12.24
CA ASN B 95 -9.28 6.84 -11.65
C ASN B 95 -9.76 7.56 -10.40
N ALA B 96 -8.83 7.99 -9.55
CA ALA B 96 -9.19 8.52 -8.24
C ALA B 96 -9.88 9.89 -8.38
N GLU B 97 -9.29 10.80 -9.15
CA GLU B 97 -9.85 12.14 -9.25
C GLU B 97 -11.11 12.17 -10.11
N LEU B 98 -11.21 11.31 -11.12
CA LEU B 98 -12.44 11.20 -11.88
C LEU B 98 -13.56 10.64 -11.02
N LEU B 99 -13.24 9.66 -10.16
CA LEU B 99 -14.24 9.07 -9.28
C LEU B 99 -14.83 10.11 -8.34
N VAL B 100 -13.97 10.93 -7.72
CA VAL B 100 -14.45 11.92 -6.77
C VAL B 100 -15.29 12.98 -7.47
N ALA B 101 -14.85 13.45 -8.65
CA ALA B 101 -15.59 14.46 -9.37
C ALA B 101 -16.96 13.95 -9.80
N LEU B 102 -17.03 12.69 -10.24
CA LEU B 102 -18.31 12.12 -10.64
C LEU B 102 -19.24 11.94 -9.45
N GLU B 103 -18.70 11.40 -8.35
CA GLU B 103 -19.54 11.14 -7.18
C GLU B 103 -20.02 12.43 -6.53
N ASN B 104 -19.17 13.46 -6.51
CA ASN B 104 -19.59 14.73 -5.94
C ASN B 104 -20.69 15.38 -6.76
N GLN B 105 -20.60 15.28 -8.09
CA GLN B 105 -21.67 15.76 -8.95
C GLN B 105 -22.96 14.98 -8.68
N HIS B 106 -22.86 13.67 -8.50
CA HIS B 106 -24.03 12.87 -8.22
C HIS B 106 -24.57 13.13 -6.82
N THR B 107 -23.68 13.31 -5.85
CA THR B 107 -24.11 13.56 -4.48
C THR B 107 -24.89 14.86 -4.36
N ILE B 108 -24.41 15.91 -5.05
CA ILE B 108 -25.11 17.19 -5.06
C ILE B 108 -26.48 17.04 -5.74
N ASP B 109 -26.53 16.21 -6.79
CA ASP B 109 -27.78 16.06 -7.53
C ASP B 109 -28.79 15.18 -6.80
N LEU B 110 -28.33 14.16 -6.07
CA LEU B 110 -29.26 13.31 -5.33
C LEU B 110 -29.81 14.02 -4.10
N THR B 111 -29.01 14.87 -3.46
CA THR B 111 -29.53 15.68 -2.35
C THR B 111 -30.48 16.76 -2.85
N ASP B 112 -30.22 17.30 -4.04
CA ASP B 112 -31.17 18.23 -4.66
C ASP B 112 -32.49 17.52 -4.97
N SER B 113 -32.41 16.24 -5.35
CA SER B 113 -33.62 15.51 -5.73
C SER B 113 -34.51 15.23 -4.52
N GLU B 114 -33.91 14.80 -3.40
CA GLU B 114 -34.70 14.52 -2.20
C GLU B 114 -35.45 15.76 -1.75
N MET B 115 -34.81 16.93 -1.86
CA MET B 115 -35.50 18.18 -1.55
C MET B 115 -36.69 18.40 -2.48
N ASN B 116 -36.50 18.14 -3.77
CA ASN B 116 -37.58 18.27 -4.73
C ASN B 116 -38.67 17.23 -4.50
N LYS B 117 -38.28 16.02 -4.11
CA LYS B 117 -39.26 14.98 -3.82
C LYS B 117 -40.17 15.38 -2.67
N LEU B 118 -39.59 15.93 -1.60
CA LEU B 118 -40.39 16.30 -0.44
C LEU B 118 -41.33 17.45 -0.77
N PHE B 119 -40.88 18.41 -1.57
CA PHE B 119 -41.76 19.52 -1.96
C PHE B 119 -42.94 19.02 -2.80
N GLU B 120 -42.68 18.08 -3.71
CA GLU B 120 -43.76 17.56 -4.55
C GLU B 120 -44.75 16.75 -3.72
N LYS B 121 -44.25 15.96 -2.76
CA LYS B 121 -45.13 15.19 -1.89
C LYS B 121 -46.04 16.11 -1.10
N THR B 122 -45.49 17.21 -0.56
CA THR B 122 -46.30 18.16 0.19
C THR B 122 -47.33 18.84 -0.71
N LYS B 123 -46.92 19.23 -1.93
CA LYS B 123 -47.84 19.90 -2.84
C LYS B 123 -49.03 19.01 -3.19
N LYS B 124 -48.77 17.73 -3.46
CA LYS B 124 -49.86 16.82 -3.79
C LYS B 124 -50.79 16.59 -2.61
N GLN B 125 -50.26 16.68 -1.39
CA GLN B 125 -51.09 16.51 -0.20
C GLN B 125 -52.13 17.61 -0.09
N LEU B 126 -51.76 18.85 -0.43
CA LEU B 126 -52.63 19.99 -0.21
C LEU B 126 -53.69 20.16 -1.28
N ARG B 127 -53.52 19.53 -2.45
CA ARG B 127 -54.50 19.58 -3.53
C ARG B 127 -54.85 21.02 -3.89
N GLU B 128 -56.12 21.38 -3.75
CA GLU B 128 -56.61 22.72 -4.07
C GLU B 128 -56.68 23.63 -2.85
N ASN B 129 -56.08 23.22 -1.73
CA ASN B 129 -56.13 24.01 -0.51
C ASN B 129 -54.94 24.95 -0.36
N ALA B 130 -53.96 24.90 -1.26
CA ALA B 130 -52.78 25.73 -1.16
C ALA B 130 -52.27 26.07 -2.55
N GLU B 131 -51.41 27.08 -2.62
CA GLU B 131 -50.81 27.53 -3.86
C GLU B 131 -49.32 27.72 -3.67
N ASP B 132 -48.56 27.44 -4.74
CA ASP B 132 -47.10 27.52 -4.70
C ASP B 132 -46.66 28.98 -4.80
N MET B 133 -45.99 29.48 -3.75
CA MET B 133 -45.49 30.84 -3.76
C MET B 133 -44.19 30.99 -4.55
N GLY B 134 -43.61 29.88 -5.02
CA GLY B 134 -42.46 29.94 -5.90
C GLY B 134 -41.11 29.83 -5.23
N ASN B 135 -41.05 30.02 -3.91
CA ASN B 135 -39.79 29.98 -3.17
C ASN B 135 -39.70 28.78 -2.25
N GLY B 136 -40.42 27.71 -2.55
CA GLY B 136 -40.49 26.54 -1.70
C GLY B 136 -41.54 26.60 -0.62
N CYS B 137 -42.31 27.68 -0.55
CA CYS B 137 -43.34 27.87 0.47
C CYS B 137 -44.73 27.78 -0.14
N PHE B 138 -45.67 27.26 0.65
CA PHE B 138 -47.05 27.13 0.25
C PHE B 138 -47.91 28.15 1.00
N LYS B 139 -48.78 28.83 0.27
CA LYS B 139 -49.81 29.67 0.88
C LYS B 139 -51.03 28.80 1.13
N ILE B 140 -51.32 28.54 2.41
CA ILE B 140 -52.45 27.69 2.79
C ILE B 140 -53.66 28.58 3.04
N TYR B 141 -54.75 28.31 2.35
CA TYR B 141 -55.91 29.21 2.31
C TYR B 141 -57.01 28.81 3.30
N HIS B 142 -56.63 28.28 4.45
CA HIS B 142 -57.60 27.98 5.50
C HIS B 142 -56.87 28.04 6.84
N LYS B 143 -57.66 28.06 7.92
CA LYS B 143 -57.08 28.02 9.25
C LYS B 143 -56.45 26.65 9.48
N CYS B 144 -55.14 26.63 9.70
CA CYS B 144 -54.38 25.40 9.87
C CYS B 144 -53.61 25.51 11.18
N ASP B 145 -54.23 25.08 12.27
CA ASP B 145 -53.60 25.15 13.59
C ASP B 145 -52.43 24.17 13.65
N ASN B 146 -51.84 24.03 14.84
CA ASN B 146 -50.68 23.16 14.99
C ASN B 146 -51.01 21.73 14.61
N ALA B 147 -52.15 21.22 15.07
CA ALA B 147 -52.55 19.85 14.72
C ALA B 147 -52.69 19.69 13.21
N CYS B 148 -53.21 20.71 12.53
CA CYS B 148 -53.33 20.66 11.08
C CYS B 148 -51.96 20.63 10.42
N ILE B 149 -50.99 21.36 10.99
CA ILE B 149 -49.64 21.35 10.42
C ILE B 149 -48.97 20.00 10.64
N GLU B 150 -49.13 19.42 11.83
CA GLU B 150 -48.58 18.09 12.08
C GLU B 150 -49.19 17.04 11.16
N SER B 151 -50.46 17.20 10.80
CA SER B 151 -51.10 16.24 9.91
C SER B 151 -50.48 16.25 8.52
N ILE B 152 -49.98 17.41 8.09
CA ILE B 152 -49.27 17.47 6.81
C ILE B 152 -47.90 16.81 6.92
N ARG B 153 -47.19 17.07 8.02
CA ARG B 153 -45.87 16.48 8.20
C ARG B 153 -45.94 14.97 8.44
N ASN B 154 -47.07 14.48 8.95
CA ASN B 154 -47.25 13.05 9.20
C ASN B 154 -47.98 12.34 8.09
N GLU B 155 -48.31 13.04 7.00
CA GLU B 155 -49.01 12.46 5.85
C GLU B 155 -50.38 11.90 6.23
N THR B 156 -51.04 12.53 7.19
CA THR B 156 -52.41 12.20 7.56
C THR B 156 -53.39 13.33 7.24
N TYR B 157 -52.92 14.35 6.54
CA TYR B 157 -53.75 15.51 6.23
C TYR B 157 -54.82 15.14 5.19
N ASP B 158 -56.08 15.42 5.52
CA ASP B 158 -57.19 15.20 4.61
C ASP B 158 -57.59 16.54 3.99
N HIS B 159 -57.40 16.66 2.68
CA HIS B 159 -57.72 17.91 1.99
C HIS B 159 -59.21 18.16 1.96
N ASN B 160 -60.03 17.11 2.00
CA ASN B 160 -61.47 17.27 1.90
C ASN B 160 -62.04 18.02 3.10
N VAL B 161 -61.38 17.94 4.25
CA VAL B 161 -61.90 18.59 5.45
C VAL B 161 -61.91 20.10 5.30
N TYR B 162 -60.90 20.66 4.63
CA TYR B 162 -60.74 22.10 4.51
C TYR B 162 -60.99 22.60 3.10
N ARG B 163 -61.51 21.76 2.20
CA ARG B 163 -61.60 22.13 0.79
C ARG B 163 -62.57 23.29 0.57
N ASP B 164 -63.77 23.21 1.14
CA ASP B 164 -64.75 24.26 0.94
C ASP B 164 -64.27 25.59 1.50
N GLU B 165 -63.66 25.58 2.68
CA GLU B 165 -63.10 26.80 3.25
C GLU B 165 -61.96 27.33 2.39
N ALA B 166 -61.12 26.46 1.86
CA ALA B 166 -59.96 26.90 1.09
C ALA B 166 -60.37 27.43 -0.28
N LEU B 167 -61.23 26.68 -0.99
CA LEU B 167 -61.69 27.13 -2.30
C LEU B 167 -62.39 28.48 -2.21
N ASN B 168 -63.12 28.71 -1.11
CA ASN B 168 -63.81 29.98 -0.92
C ASN B 168 -62.81 31.12 -0.75
N ASN B 169 -61.76 30.91 0.04
CA ASN B 169 -60.76 31.95 0.24
C ASN B 169 -59.94 32.19 -1.02
N ARG B 170 -59.70 31.15 -1.81
CA ARG B 170 -58.86 31.29 -2.98
C ARG B 170 -59.53 32.10 -4.08
N PHE B 171 -60.86 32.03 -4.16
CA PHE B 171 -61.56 32.62 -5.31
C PHE B 171 -62.44 33.79 -4.91
N GLN B 172 -61.86 34.78 -4.26
CA GLN B 172 -62.54 36.05 -4.01
C GLN B 172 -62.32 36.99 -5.19
#